data_2HMA
#
_entry.id   2HMA
#
_cell.length_a   93.319
_cell.length_b   93.319
_cell.length_c   157.018
_cell.angle_alpha   90.00
_cell.angle_beta   90.00
_cell.angle_gamma   120.00
#
_symmetry.space_group_name_H-M   'P 32 2 1'
#
loop_
_entity.id
_entity.type
_entity.pdbx_description
1 polymer 'Probable tRNA (5-methylaminomethyl-2-thiouridylate)-methyltransferase'
2 non-polymer 'MAGNESIUM ION'
3 non-polymer S-ADENOSYLMETHIONINE
4 water water
#
_entity_poly.entity_id   1
_entity_poly.type   'polypeptide(L)'
_entity_poly.pdbx_seq_one_letter_code
;SNA(MSE)SDNSKTRVVVG(MSE)SGGVDSSVTALLLKEQGYDVIGIF(MSE)KNWDDTDENGVCTATEDYKDVVAVADQ
IGIPYYSVNFEKEYWDRVFEYFLAEYRAGRTPNPDV(MSE)CNKEIKFKAFLDYAITLGADYVATGHYARVARDEDGTVH
(MSE)LRGVDNGKDQTYFLSQLSQEQLQKT(MSE)FPLGHLEKPEVRRLAEEAGLSTAKKKDSTGICFIGEKNFKNFLSN
YLPAQPGR(MSE)(MSE)TVDGRD(MSE)GEHAGL(MSE)YYTIGQRGGLGIGGQHGGDNAPWFVVGKDLSKNILYVGQG
FYHDSL(MSE)STSLEASQVHFTRE(MSE)PEEFTLECTAKFRYRQPDSKVTVHVKGEKTEVIFAEPQRAITPGQAVVFY
DGEECLGGGLIDNAYRDGQVCQYI
;
_entity_poly.pdbx_strand_id   A
#
# COMPACT_ATOMS: atom_id res chain seq x y z
N SER A 5 -12.70 -7.20 -33.41
CA SER A 5 -13.45 -5.90 -33.22
C SER A 5 -14.49 -5.94 -32.07
N ASP A 6 -14.40 -6.96 -31.22
CA ASP A 6 -15.28 -7.08 -30.06
C ASP A 6 -14.72 -6.16 -28.97
N ASN A 7 -13.55 -6.51 -28.46
CA ASN A 7 -12.84 -5.69 -27.48
C ASN A 7 -12.34 -4.36 -28.03
N SER A 8 -12.25 -4.25 -29.36
CA SER A 8 -11.73 -3.04 -30.01
C SER A 8 -12.62 -1.82 -29.81
N LYS A 9 -13.85 -2.07 -29.34
CA LYS A 9 -14.78 -1.03 -28.95
C LYS A 9 -14.65 -0.59 -27.49
N THR A 10 -13.81 -1.28 -26.74
CA THR A 10 -13.55 -0.95 -25.35
C THR A 10 -12.17 -0.29 -25.25
N ARG A 11 -12.18 0.98 -24.85
CA ARG A 11 -10.94 1.71 -24.61
C ARG A 11 -10.48 1.52 -23.16
N VAL A 12 -9.25 1.04 -23.01
CA VAL A 12 -8.62 0.83 -21.71
C VAL A 12 -7.40 1.71 -21.63
N VAL A 13 -7.37 2.58 -20.62
CA VAL A 13 -6.16 3.33 -20.33
C VAL A 13 -5.37 2.59 -19.27
N VAL A 14 -4.14 2.21 -19.62
CA VAL A 14 -3.25 1.50 -18.70
C VAL A 14 -2.23 2.42 -18.06
N GLY A 15 -2.17 2.42 -16.73
CA GLY A 15 -1.05 3.05 -16.05
C GLY A 15 0.26 2.34 -16.37
N SER A 17 4.20 2.46 -15.64
CA SER A 17 5.22 3.01 -14.77
C SER A 17 6.63 2.91 -15.32
N GLY A 18 6.82 2.07 -16.33
CA GLY A 18 8.14 1.74 -16.84
C GLY A 18 8.62 0.39 -16.30
N GLY A 19 7.86 -0.21 -15.40
CA GLY A 19 8.18 -1.53 -14.85
C GLY A 19 7.71 -2.71 -15.68
N VAL A 20 8.11 -3.92 -15.30
CA VAL A 20 7.73 -5.11 -16.08
C VAL A 20 6.24 -5.46 -15.93
N ASP A 21 5.68 -5.24 -14.75
CA ASP A 21 4.25 -5.50 -14.53
C ASP A 21 3.34 -4.71 -15.47
N SER A 22 3.48 -3.38 -15.47
CA SER A 22 2.67 -2.53 -16.35
C SER A 22 2.96 -2.75 -17.83
N SER A 23 4.20 -3.07 -18.16
CA SER A 23 4.55 -3.39 -19.55
C SER A 23 3.79 -4.61 -20.01
N VAL A 24 3.77 -5.63 -19.15
CA VAL A 24 3.06 -6.85 -19.50
C VAL A 24 1.55 -6.60 -19.50
N THR A 25 1.07 -5.75 -18.59
CA THR A 25 -0.37 -5.40 -18.49
C THR A 25 -0.83 -4.83 -19.83
N ALA A 26 -0.07 -3.86 -20.35
CA ALA A 26 -0.31 -3.30 -21.67
C ALA A 26 -0.24 -4.33 -22.81
N LEU A 27 0.75 -5.20 -22.83
CA LEU A 27 0.88 -6.22 -23.90
C LEU A 27 -0.33 -7.15 -23.88
N LEU A 28 -0.73 -7.63 -22.69
CA LEU A 28 -1.86 -8.56 -22.61
C LEU A 28 -3.15 -7.94 -23.12
N LEU A 29 -3.41 -6.68 -22.75
CA LEU A 29 -4.59 -5.97 -23.19
C LEU A 29 -4.58 -5.74 -24.69
N LYS A 30 -3.41 -5.44 -25.25
CA LYS A 30 -3.31 -5.23 -26.70
C LYS A 30 -3.62 -6.55 -27.38
N GLU A 31 -3.03 -7.62 -26.88
CA GLU A 31 -3.17 -8.95 -27.48
C GLU A 31 -4.63 -9.41 -27.49
N GLN A 32 -5.39 -9.01 -26.47
CA GLN A 32 -6.82 -9.32 -26.35
C GLN A 32 -7.71 -8.41 -27.18
N GLY A 33 -7.09 -7.53 -27.97
CA GLY A 33 -7.84 -6.74 -28.91
C GLY A 33 -8.44 -5.47 -28.36
N TYR A 34 -8.07 -5.06 -27.16
CA TYR A 34 -8.59 -3.80 -26.63
C TYR A 34 -7.99 -2.56 -27.33
N ASP A 35 -8.71 -1.45 -27.25
CA ASP A 35 -8.24 -0.15 -27.69
C ASP A 35 -7.41 0.41 -26.52
N VAL A 36 -6.10 0.23 -26.58
CA VAL A 36 -5.21 0.47 -25.44
C VAL A 36 -4.42 1.75 -25.54
N ILE A 37 -4.43 2.54 -24.47
CA ILE A 37 -3.60 3.76 -24.39
C ILE A 37 -2.75 3.67 -23.15
N GLY A 38 -1.43 3.78 -23.30
CA GLY A 38 -0.51 3.76 -22.13
C GLY A 38 -0.28 5.15 -21.61
N ILE A 39 -0.38 5.33 -20.29
CA ILE A 39 -0.14 6.65 -19.67
C ILE A 39 0.83 6.54 -18.52
N PHE A 40 1.85 7.41 -18.56
CA PHE A 40 2.85 7.52 -17.52
C PHE A 40 2.53 8.71 -16.60
N LYS A 42 3.90 11.36 -13.88
CA LYS A 42 4.94 11.93 -13.08
C LYS A 42 4.32 12.63 -11.89
N ASN A 43 4.52 12.04 -10.71
CA ASN A 43 3.91 12.54 -9.48
C ASN A 43 4.88 13.06 -8.45
N TRP A 44 6.17 12.93 -8.74
CA TRP A 44 7.21 13.37 -7.83
C TRP A 44 8.38 14.00 -8.60
N ASP A 45 8.80 15.18 -8.21
CA ASP A 45 9.96 15.84 -8.82
C ASP A 45 11.27 15.58 -8.06
N ASP A 46 12.11 14.74 -8.66
CA ASP A 46 13.26 14.11 -7.99
C ASP A 46 14.59 14.33 -8.76
N THR A 47 14.95 15.59 -9.00
CA THR A 47 16.08 15.89 -9.89
C THR A 47 17.45 15.95 -9.16
N ASP A 48 18.50 15.55 -9.88
CA ASP A 48 19.91 15.61 -9.41
C ASP A 48 20.40 17.05 -9.20
N CYS A 53 13.87 13.20 -13.41
CA CYS A 53 15.18 12.55 -13.58
C CYS A 53 15.08 11.04 -13.45
N THR A 54 14.49 10.58 -12.34
CA THR A 54 14.08 9.18 -12.21
C THR A 54 12.96 8.92 -13.23
N ALA A 55 12.03 9.88 -13.29
CA ALA A 55 10.88 9.83 -14.19
C ALA A 55 11.31 9.81 -15.66
N THR A 56 12.43 10.45 -15.96
CA THR A 56 12.97 10.51 -17.31
C THR A 56 13.33 9.12 -17.84
N GLU A 57 14.11 8.34 -17.11
N GLU A 57 14.11 8.37 -17.06
CA GLU A 57 14.51 7.02 -17.62
CA GLU A 57 14.54 7.00 -17.39
C GLU A 57 13.37 5.99 -17.63
C GLU A 57 13.34 6.11 -17.65
N ASP A 58 12.42 6.12 -16.70
CA ASP A 58 11.21 5.27 -16.69
C ASP A 58 10.29 5.58 -17.87
N TYR A 59 10.16 6.87 -18.20
CA TYR A 59 9.39 7.26 -19.37
C TYR A 59 9.99 6.70 -20.66
N LYS A 60 11.32 6.54 -20.69
N LYS A 60 11.31 6.56 -20.68
CA LYS A 60 12.02 5.92 -21.82
CA LYS A 60 12.04 5.92 -21.79
C LYS A 60 11.56 4.48 -22.00
C LYS A 60 11.58 4.50 -21.99
N ASP A 61 11.41 3.80 -20.88
CA ASP A 61 10.97 2.41 -20.88
C ASP A 61 9.51 2.28 -21.28
N VAL A 62 8.67 3.20 -20.78
CA VAL A 62 7.29 3.27 -21.22
C VAL A 62 7.29 3.40 -22.73
N VAL A 63 8.02 4.37 -23.26
CA VAL A 63 8.06 4.64 -24.72
C VAL A 63 8.58 3.40 -25.50
N ALA A 64 9.72 2.83 -25.10
CA ALA A 64 10.27 1.66 -25.75
C ALA A 64 9.24 0.53 -25.78
N VAL A 65 8.52 0.32 -24.68
CA VAL A 65 7.55 -0.77 -24.63
C VAL A 65 6.29 -0.49 -25.46
N ALA A 66 5.76 0.71 -25.31
CA ALA A 66 4.60 1.14 -26.04
C ALA A 66 4.86 1.03 -27.54
N ASP A 67 6.09 1.36 -27.96
CA ASP A 67 6.46 1.20 -29.37
C ASP A 67 6.62 -0.27 -29.79
N GLN A 68 7.16 -1.11 -28.89
N GLN A 68 7.19 -1.12 -28.94
CA GLN A 68 7.39 -2.53 -29.12
CA GLN A 68 7.35 -2.54 -29.27
C GLN A 68 6.07 -3.26 -29.38
C GLN A 68 5.95 -3.07 -29.57
N ILE A 69 5.04 -2.90 -28.61
CA ILE A 69 3.72 -3.49 -28.77
C ILE A 69 2.79 -2.68 -29.67
N GLY A 70 3.20 -1.46 -30.03
CA GLY A 70 2.40 -0.66 -30.95
C GLY A 70 1.12 -0.12 -30.32
N ILE A 71 1.26 0.56 -29.20
CA ILE A 71 0.16 1.35 -28.63
C ILE A 71 0.53 2.83 -28.49
N PRO A 72 -0.48 3.73 -28.50
CA PRO A 72 -0.12 5.10 -28.13
C PRO A 72 0.25 5.24 -26.64
N TYR A 73 1.09 6.22 -26.35
CA TYR A 73 1.50 6.52 -24.99
C TYR A 73 1.44 8.05 -24.76
N TYR A 74 1.07 8.45 -23.55
CA TYR A 74 1.11 9.85 -23.16
C TYR A 74 1.65 9.93 -21.75
N SER A 75 1.79 11.16 -21.27
CA SER A 75 2.50 11.46 -20.05
C SER A 75 1.70 12.54 -19.36
N VAL A 76 1.27 12.29 -18.13
CA VAL A 76 0.58 13.31 -17.36
C VAL A 76 1.27 13.59 -16.00
N ASN A 77 1.17 14.82 -15.51
CA ASN A 77 1.81 15.23 -14.29
C ASN A 77 0.81 15.53 -13.16
N PHE A 78 0.87 14.77 -12.07
CA PHE A 78 -0.01 14.95 -10.93
C PHE A 78 0.81 15.26 -9.66
N GLU A 79 1.95 15.91 -9.84
CA GLU A 79 2.80 16.32 -8.71
C GLU A 79 2.00 17.06 -7.67
N LYS A 80 1.16 17.99 -8.11
CA LYS A 80 0.38 18.77 -7.15
C LYS A 80 -0.54 17.88 -6.32
N GLU A 81 -1.35 17.08 -7.00
CA GLU A 81 -2.36 16.25 -6.40
C GLU A 81 -1.71 15.24 -5.47
N TYR A 82 -0.60 14.66 -5.93
CA TYR A 82 0.13 13.69 -5.16
C TYR A 82 0.68 14.33 -3.90
N TRP A 83 1.30 15.50 -4.05
CA TRP A 83 1.80 16.23 -2.91
C TRP A 83 0.69 16.47 -1.91
N ASP A 84 -0.43 17.03 -2.40
CA ASP A 84 -1.55 17.45 -1.57
C ASP A 84 -2.33 16.31 -0.93
N ARG A 85 -2.46 15.19 -1.62
CA ARG A 85 -3.35 14.14 -1.18
C ARG A 85 -2.62 12.92 -0.64
N VAL A 86 -1.32 12.80 -0.96
CA VAL A 86 -0.53 11.68 -0.50
C VAL A 86 0.62 12.14 0.40
N PHE A 87 1.44 13.06 -0.09
CA PHE A 87 2.63 13.44 0.65
C PHE A 87 2.35 14.24 1.92
N GLU A 88 1.38 15.15 1.87
CA GLU A 88 0.93 15.81 3.09
C GLU A 88 0.32 14.81 4.06
N TYR A 89 -0.43 13.82 3.57
CA TYR A 89 -0.94 12.78 4.45
C TYR A 89 0.25 12.04 5.15
N PHE A 90 1.26 11.70 4.35
CA PHE A 90 2.46 10.98 4.78
C PHE A 90 3.13 11.76 5.92
N LEU A 91 3.39 13.05 5.71
CA LEU A 91 4.00 13.91 6.71
C LEU A 91 3.12 14.09 7.94
N ALA A 92 1.82 14.28 7.74
CA ALA A 92 0.93 14.51 8.87
C ALA A 92 0.84 13.26 9.73
N GLU A 93 0.96 12.08 9.15
CA GLU A 93 1.00 10.85 9.94
C GLU A 93 2.19 10.82 10.91
N TYR A 94 3.36 11.12 10.38
CA TYR A 94 4.57 11.19 11.18
C TYR A 94 4.46 12.23 12.28
N ARG A 95 3.86 13.40 11.98
CA ARG A 95 3.71 14.44 12.99
C ARG A 95 2.83 13.95 14.12
N ALA A 96 1.90 13.05 13.81
CA ALA A 96 0.92 12.55 14.78
C ALA A 96 1.40 11.33 15.54
N GLY A 97 2.61 10.85 15.22
CA GLY A 97 3.21 9.70 15.85
C GLY A 97 2.78 8.39 15.24
N ARG A 98 2.19 8.44 14.05
CA ARG A 98 1.75 7.22 13.45
C ARG A 98 2.69 6.82 12.31
N THR A 99 2.47 5.62 11.78
CA THR A 99 3.22 5.12 10.62
C THR A 99 2.31 5.05 9.40
N PRO A 100 2.55 5.94 8.41
CA PRO A 100 1.71 6.00 7.22
C PRO A 100 1.87 4.81 6.25
N ASN A 101 0.82 4.63 5.45
CA ASN A 101 0.82 3.77 4.27
C ASN A 101 0.47 4.66 3.08
N PRO A 102 1.50 5.28 2.46
CA PRO A 102 1.24 6.17 1.35
C PRO A 102 0.62 5.48 0.13
N ASP A 103 0.94 4.19 -0.10
CA ASP A 103 0.38 3.44 -1.23
C ASP A 103 -1.12 3.31 -1.20
N VAL A 104 -1.66 3.01 -0.03
CA VAL A 104 -3.11 2.96 0.16
C VAL A 104 -3.71 4.30 -0.25
N CYS A 106 -2.32 6.70 -2.10
CA CYS A 106 -2.02 6.88 -3.50
C CYS A 106 -3.02 6.18 -4.45
N ASN A 107 -3.34 4.90 -4.18
CA ASN A 107 -4.33 4.19 -4.97
C ASN A 107 -5.71 4.83 -4.86
N LYS A 108 -6.08 5.20 -3.64
CA LYS A 108 -7.38 5.79 -3.36
C LYS A 108 -7.57 7.14 -4.05
N GLU A 109 -6.52 7.95 -4.06
CA GLU A 109 -6.68 9.35 -4.42
C GLU A 109 -6.04 9.69 -5.74
N ILE A 110 -5.11 8.85 -6.20
CA ILE A 110 -4.35 9.16 -7.41
C ILE A 110 -4.61 8.15 -8.48
N LYS A 111 -4.17 6.91 -8.31
CA LYS A 111 -4.33 5.92 -9.37
C LYS A 111 -5.78 5.68 -9.75
N PHE A 112 -6.71 5.88 -8.81
CA PHE A 112 -8.11 5.55 -9.10
C PHE A 112 -9.06 6.70 -8.88
N LYS A 113 -8.50 7.89 -8.80
CA LYS A 113 -9.31 9.08 -8.74
C LYS A 113 -8.76 10.05 -9.78
N ALA A 114 -7.65 10.71 -9.48
CA ALA A 114 -7.03 11.64 -10.45
C ALA A 114 -6.79 10.95 -11.82
N PHE A 115 -6.19 9.77 -11.80
CA PHE A 115 -5.82 9.08 -13.01
C PHE A 115 -7.04 8.57 -13.76
N LEU A 116 -8.01 8.06 -13.01
CA LEU A 116 -9.29 7.58 -13.57
C LEU A 116 -10.10 8.68 -14.27
N ASP A 117 -10.33 9.81 -13.62
CA ASP A 117 -10.97 10.96 -14.26
C ASP A 117 -10.18 11.49 -15.44
N TYR A 118 -8.86 11.44 -15.35
CA TYR A 118 -8.03 11.81 -16.47
C TYR A 118 -8.29 10.88 -17.65
N ALA A 119 -8.24 9.58 -17.40
CA ALA A 119 -8.42 8.56 -18.42
C ALA A 119 -9.78 8.68 -19.06
N ILE A 120 -10.78 9.05 -18.27
CA ILE A 120 -12.13 9.21 -18.80
C ILE A 120 -12.20 10.36 -19.81
N THR A 121 -11.38 11.39 -19.61
CA THR A 121 -11.31 12.48 -20.57
C THR A 121 -10.61 12.02 -21.86
N LEU A 122 -10.01 10.84 -21.83
CA LEU A 122 -9.49 10.24 -23.05
C LEU A 122 -10.47 9.22 -23.65
N GLY A 123 -11.71 9.24 -23.14
CA GLY A 123 -12.76 8.34 -23.59
C GLY A 123 -12.52 6.91 -23.17
N ALA A 124 -11.78 6.73 -22.09
CA ALA A 124 -11.54 5.44 -21.49
C ALA A 124 -12.82 4.82 -20.98
N ASP A 125 -12.97 3.54 -21.23
CA ASP A 125 -13.98 2.72 -20.59
C ASP A 125 -13.50 2.17 -19.25
N TYR A 126 -12.23 1.75 -19.21
CA TYR A 126 -11.57 1.21 -18.04
C TYR A 126 -10.18 1.86 -17.93
N VAL A 127 -9.67 1.96 -16.70
CA VAL A 127 -8.24 2.03 -16.44
C VAL A 127 -7.74 0.62 -16.07
N ALA A 128 -6.50 0.31 -16.43
CA ALA A 128 -5.86 -0.90 -15.99
C ALA A 128 -4.54 -0.54 -15.33
N THR A 129 -4.16 -1.33 -14.34
CA THR A 129 -2.84 -1.24 -13.74
C THR A 129 -2.31 -2.64 -13.62
N GLY A 130 -1.00 -2.73 -13.32
CA GLY A 130 -0.36 -4.02 -13.11
C GLY A 130 -0.42 -4.49 -11.66
N HIS A 131 -1.40 -4.03 -10.88
CA HIS A 131 -1.65 -4.56 -9.57
C HIS A 131 -2.02 -6.06 -9.66
N TYR A 132 -1.47 -6.84 -8.73
CA TYR A 132 -1.83 -8.25 -8.53
C TYR A 132 -3.10 -8.35 -7.71
N ALA A 133 -4.24 -8.26 -8.38
CA ALA A 133 -5.57 -8.27 -7.74
C ALA A 133 -6.56 -8.70 -8.79
N ARG A 134 -7.74 -9.09 -8.38
CA ARG A 134 -8.78 -9.42 -9.34
C ARG A 134 -10.04 -8.66 -9.02
N VAL A 135 -10.83 -8.42 -10.06
CA VAL A 135 -12.22 -7.96 -9.93
C VAL A 135 -13.16 -9.00 -10.54
N ALA A 136 -14.18 -9.38 -9.77
CA ALA A 136 -15.21 -10.28 -10.27
C ALA A 136 -16.53 -9.53 -10.27
N ARG A 137 -17.27 -9.66 -11.37
N ARG A 137 -17.29 -9.69 -11.35
CA ARG A 137 -18.61 -9.06 -11.49
CA ARG A 137 -18.60 -9.05 -11.44
C ARG A 137 -19.70 -10.05 -11.09
C ARG A 137 -19.72 -10.04 -11.11
N ASP A 138 -20.66 -9.58 -10.30
CA ASP A 138 -21.82 -10.41 -9.88
C ASP A 138 -22.83 -10.61 -10.99
N GLU A 139 -23.78 -11.52 -10.73
CA GLU A 139 -25.00 -11.65 -11.51
C GLU A 139 -25.63 -10.26 -11.62
N ASP A 140 -25.86 -9.64 -10.46
CA ASP A 140 -26.43 -8.28 -10.35
C ASP A 140 -25.59 -7.19 -11.01
N GLY A 141 -24.31 -7.49 -11.26
CA GLY A 141 -23.41 -6.51 -11.87
C GLY A 141 -22.57 -5.81 -10.82
N THR A 142 -22.69 -6.26 -9.57
CA THR A 142 -21.88 -5.75 -8.47
C THR A 142 -20.48 -6.34 -8.55
N VAL A 143 -19.47 -5.48 -8.49
CA VAL A 143 -18.09 -5.90 -8.57
C VAL A 143 -17.53 -6.16 -7.17
N HIS A 144 -16.77 -7.24 -7.05
N HIS A 144 -16.81 -7.25 -7.01
CA HIS A 144 -16.06 -7.61 -5.83
CA HIS A 144 -16.04 -7.43 -5.79
C HIS A 144 -14.56 -7.64 -6.15
C HIS A 144 -14.58 -7.67 -6.12
N LEU A 146 -10.97 -9.44 -5.54
CA LEU A 146 -10.36 -10.69 -5.08
C LEU A 146 -8.85 -10.55 -4.98
N ARG A 147 -8.24 -11.27 -4.03
CA ARG A 147 -6.80 -11.35 -3.94
C ARG A 147 -6.23 -11.79 -5.28
N GLY A 148 -5.07 -11.24 -5.66
CA GLY A 148 -4.28 -11.86 -6.73
C GLY A 148 -3.99 -13.33 -6.40
N VAL A 149 -3.94 -14.17 -7.43
CA VAL A 149 -3.62 -15.57 -7.20
C VAL A 149 -2.18 -15.77 -6.73
N ASP A 150 -1.31 -14.81 -7.05
CA ASP A 150 0.05 -14.78 -6.52
C ASP A 150 -0.08 -14.29 -5.10
N ASN A 151 -0.08 -15.20 -4.13
N ASN A 151 -0.11 -15.25 -4.17
CA ASN A 151 -0.32 -14.79 -2.74
CA ASN A 151 -0.19 -15.04 -2.73
C ASN A 151 0.87 -14.11 -2.04
C ASN A 151 0.79 -13.97 -2.24
N GLY A 152 2.04 -14.08 -2.68
CA GLY A 152 3.10 -13.22 -2.20
C GLY A 152 3.04 -11.80 -2.71
N LYS A 153 2.53 -11.61 -3.92
N LYS A 153 2.60 -11.60 -3.95
CA LYS A 153 2.49 -10.31 -4.56
CA LYS A 153 2.48 -10.25 -4.49
C LYS A 153 1.12 -9.65 -4.47
C LYS A 153 1.16 -9.61 -4.06
N ASP A 154 0.11 -10.41 -4.04
CA ASP A 154 -1.26 -9.93 -3.88
C ASP A 154 -1.40 -8.52 -3.29
N GLN A 155 -1.92 -7.59 -4.07
CA GLN A 155 -1.94 -6.20 -3.66
C GLN A 155 -3.28 -5.68 -3.15
N THR A 156 -4.26 -6.54 -2.93
CA THR A 156 -5.53 -6.08 -2.37
C THR A 156 -5.35 -5.25 -1.08
N TYR A 157 -4.35 -5.59 -0.28
CA TYR A 157 -4.03 -4.86 0.96
C TYR A 157 -3.92 -3.36 0.65
N PHE A 158 -3.24 -3.01 -0.43
CA PHE A 158 -3.01 -1.61 -0.75
C PHE A 158 -4.18 -0.98 -1.49
N LEU A 159 -5.10 -1.83 -1.95
CA LEU A 159 -6.26 -1.39 -2.72
C LEU A 159 -7.52 -1.41 -1.86
N SER A 160 -7.32 -1.55 -0.56
CA SER A 160 -8.46 -1.76 0.39
C SER A 160 -9.48 -0.61 0.39
N GLN A 161 -9.02 0.59 0.01
CA GLN A 161 -9.87 1.78 0.05
C GLN A 161 -10.73 2.00 -1.20
N LEU A 162 -10.62 1.16 -2.23
CA LEU A 162 -11.35 1.36 -3.49
C LEU A 162 -12.84 1.11 -3.36
N SER A 163 -13.63 1.99 -3.96
CA SER A 163 -15.07 1.95 -3.89
C SER A 163 -15.63 1.13 -5.04
N GLN A 164 -16.90 0.76 -4.92
CA GLN A 164 -17.64 0.06 -5.97
C GLN A 164 -17.56 0.80 -7.30
N GLU A 165 -17.70 2.12 -7.21
N GLU A 165 -17.78 2.12 -7.23
CA GLU A 165 -17.70 3.01 -8.36
CA GLU A 165 -17.66 3.04 -8.35
C GLU A 165 -16.33 3.08 -9.07
C GLU A 165 -16.33 2.83 -9.08
N GLN A 166 -15.23 2.89 -8.33
CA GLN A 166 -13.87 2.80 -8.89
C GLN A 166 -13.61 1.43 -9.52
N LEU A 167 -14.01 0.37 -8.82
CA LEU A 167 -13.87 -1.00 -9.31
C LEU A 167 -14.67 -1.29 -10.58
N GLN A 168 -15.79 -0.58 -10.75
CA GLN A 168 -16.60 -0.71 -11.97
C GLN A 168 -15.83 -0.30 -13.23
N LYS A 169 -14.87 0.58 -13.08
CA LYS A 169 -14.12 1.08 -14.22
C LYS A 169 -12.68 0.59 -14.22
N THR A 170 -12.40 -0.45 -13.42
CA THR A 170 -11.06 -0.97 -13.27
C THR A 170 -10.90 -2.33 -13.93
N PHE A 172 -7.70 -5.48 -13.90
CA PHE A 172 -6.41 -5.94 -13.38
C PHE A 172 -5.95 -7.13 -14.19
N PRO A 173 -5.31 -6.89 -15.34
CA PRO A 173 -4.89 -8.01 -16.24
C PRO A 173 -3.87 -9.01 -15.64
N LEU A 174 -3.13 -8.62 -14.61
CA LEU A 174 -2.17 -9.56 -14.00
C LEU A 174 -2.78 -10.38 -12.86
N GLY A 175 -4.04 -10.13 -12.55
CA GLY A 175 -4.68 -10.72 -11.40
C GLY A 175 -4.63 -12.22 -11.32
N HIS A 176 -4.54 -12.91 -12.46
CA HIS A 176 -4.53 -14.38 -12.46
C HIS A 176 -3.14 -14.91 -12.71
N LEU A 177 -2.15 -14.03 -12.60
CA LEU A 177 -0.76 -14.38 -12.91
C LEU A 177 0.15 -14.28 -11.69
N GLU A 178 1.18 -15.11 -11.69
CA GLU A 178 2.23 -15.02 -10.71
C GLU A 178 3.40 -14.26 -11.33
N LYS A 179 4.12 -13.53 -10.51
CA LYS A 179 5.28 -12.75 -10.92
C LYS A 179 6.25 -13.44 -11.91
N PRO A 180 6.74 -14.65 -11.60
CA PRO A 180 7.60 -15.29 -12.62
C PRO A 180 6.98 -15.45 -13.99
N GLU A 181 5.65 -15.62 -14.05
CA GLU A 181 4.97 -15.75 -15.35
C GLU A 181 5.01 -14.41 -16.11
N VAL A 182 4.69 -13.34 -15.39
CA VAL A 182 4.75 -11.97 -15.91
C VAL A 182 6.13 -11.74 -16.57
N ARG A 183 7.21 -12.16 -15.90
N ARG A 183 7.21 -12.14 -15.87
CA ARG A 183 8.56 -12.09 -16.47
CA ARG A 183 8.57 -12.12 -16.43
C ARG A 183 8.76 -12.99 -17.67
C ARG A 183 8.72 -12.98 -17.67
N ARG A 184 8.17 -14.19 -17.65
CA ARG A 184 8.25 -15.07 -18.83
C ARG A 184 7.49 -14.47 -20.01
N LEU A 185 6.30 -13.93 -19.74
CA LEU A 185 5.52 -13.27 -20.80
C LEU A 185 6.29 -12.10 -21.40
N ALA A 186 6.97 -11.34 -20.54
CA ALA A 186 7.75 -10.19 -21.00
C ALA A 186 8.93 -10.62 -21.88
N GLU A 187 9.64 -11.65 -21.44
CA GLU A 187 10.82 -12.12 -22.14
C GLU A 187 10.42 -12.66 -23.47
N GLU A 188 9.34 -13.46 -23.51
CA GLU A 188 8.90 -14.04 -24.80
C GLU A 188 8.39 -12.99 -25.78
N ALA A 189 7.87 -11.88 -25.26
CA ALA A 189 7.44 -10.79 -26.11
C ALA A 189 8.62 -9.91 -26.51
N GLY A 190 9.80 -10.19 -25.95
CA GLY A 190 11.00 -9.38 -26.19
C GLY A 190 10.88 -7.93 -25.68
N LEU A 191 10.15 -7.74 -24.58
CA LEU A 191 9.97 -6.41 -24.05
C LEU A 191 11.26 -5.95 -23.37
N SER A 192 11.65 -4.69 -23.61
CA SER A 192 12.92 -4.22 -23.06
C SER A 192 12.94 -4.14 -21.55
N THR A 193 11.77 -4.07 -20.92
CA THR A 193 11.71 -4.12 -19.48
C THR A 193 11.74 -5.53 -18.85
N ALA A 194 11.89 -6.57 -19.68
CA ALA A 194 11.77 -7.97 -19.22
C ALA A 194 12.64 -8.30 -18.02
N LYS A 195 13.89 -7.85 -18.08
CA LYS A 195 14.84 -8.06 -16.98
C LYS A 195 14.94 -6.91 -15.96
N LYS A 196 14.14 -5.86 -16.13
CA LYS A 196 14.21 -4.70 -15.26
C LYS A 196 13.71 -5.00 -13.86
N LYS A 197 14.58 -4.79 -12.87
CA LYS A 197 14.27 -5.03 -11.47
C LYS A 197 13.32 -3.98 -10.93
N ASP A 198 12.41 -4.40 -10.06
CA ASP A 198 11.43 -3.48 -9.52
C ASP A 198 12.05 -2.61 -8.46
N SER A 199 11.65 -1.34 -8.45
CA SER A 199 12.15 -0.39 -7.47
C SER A 199 11.57 -0.77 -6.13
N THR A 200 12.41 -0.72 -5.09
CA THR A 200 11.98 -1.04 -3.74
C THR A 200 11.66 0.23 -2.95
N GLY A 201 10.91 0.06 -1.86
CA GLY A 201 10.54 1.17 -0.99
C GLY A 201 9.49 2.05 -1.64
N ILE A 202 9.11 3.12 -0.94
CA ILE A 202 8.15 4.08 -1.46
C ILE A 202 8.73 4.72 -2.71
N CYS A 203 7.83 5.02 -3.65
CA CYS A 203 8.17 5.61 -4.95
C CYS A 203 9.09 6.84 -4.86
N PHE A 204 8.67 7.85 -4.07
CA PHE A 204 9.35 9.14 -3.97
C PHE A 204 10.69 9.14 -3.21
N ILE A 205 10.90 8.16 -2.32
CA ILE A 205 12.23 8.02 -1.66
C ILE A 205 13.21 7.17 -2.53
N GLY A 206 12.66 6.20 -3.26
CA GLY A 206 13.45 5.43 -4.23
C GLY A 206 14.65 4.75 -3.63
N GLU A 207 15.84 5.09 -4.13
N GLU A 207 15.84 5.06 -4.13
N GLU A 207 15.83 5.06 -4.13
N GLU A 207 15.83 5.11 -4.14
CA GLU A 207 17.09 4.48 -3.66
CA GLU A 207 17.07 4.44 -3.60
CA GLU A 207 17.07 4.45 -3.64
CA GLU A 207 17.12 4.54 -3.73
C GLU A 207 17.73 5.27 -2.52
C GLU A 207 17.77 5.28 -2.53
C GLU A 207 17.90 5.42 -2.77
C GLU A 207 17.74 5.28 -2.54
N LYS A 208 17.27 6.50 -2.31
CA LYS A 208 17.88 7.41 -1.32
C LYS A 208 17.61 7.02 0.13
N ASN A 209 18.57 7.35 0.98
CA ASN A 209 18.56 7.06 2.40
C ASN A 209 17.31 7.64 3.07
N PHE A 210 16.57 6.79 3.78
CA PHE A 210 15.28 7.17 4.35
C PHE A 210 15.38 8.25 5.42
N LYS A 211 16.37 8.11 6.31
CA LYS A 211 16.53 9.05 7.38
C LYS A 211 16.82 10.44 6.81
N ASN A 212 17.64 10.46 5.76
CA ASN A 212 18.05 11.70 5.12
C ASN A 212 16.86 12.34 4.43
N PHE A 213 16.10 11.51 3.73
CA PHE A 213 14.92 11.98 3.02
C PHE A 213 13.94 12.72 3.92
N LEU A 214 13.52 12.03 4.97
CA LEU A 214 12.50 12.48 5.91
C LEU A 214 12.90 13.71 6.70
N SER A 215 14.17 13.75 7.09
CA SER A 215 14.71 14.90 7.78
C SER A 215 14.80 16.18 6.93
N ASN A 216 14.64 16.05 5.61
N ASN A 216 14.61 16.04 5.62
CA ASN A 216 14.51 17.22 4.74
CA ASN A 216 14.50 17.17 4.70
C ASN A 216 13.15 17.91 4.93
C ASN A 216 13.14 17.89 4.88
N TYR A 217 12.17 17.18 5.47
CA TYR A 217 10.81 17.68 5.60
C TYR A 217 10.36 17.82 7.03
N LEU A 218 10.83 16.92 7.90
CA LEU A 218 10.42 16.98 9.28
C LEU A 218 11.59 17.20 10.21
N PRO A 219 11.43 18.11 11.18
CA PRO A 219 12.51 18.28 12.13
C PRO A 219 12.62 17.00 12.95
N ALA A 220 13.82 16.45 13.04
CA ALA A 220 14.05 15.32 13.93
C ALA A 220 14.46 15.91 15.27
N GLN A 221 13.82 15.37 16.28
CA GLN A 221 14.03 15.78 17.62
C GLN A 221 14.39 14.48 18.30
N PRO A 222 15.72 14.21 18.45
CA PRO A 222 16.18 13.08 19.24
C PRO A 222 15.62 13.17 20.65
N GLY A 223 15.34 12.01 21.25
CA GLY A 223 14.85 11.98 22.62
C GLY A 223 15.39 10.76 23.31
N ARG A 224 14.72 10.35 24.38
CA ARG A 224 15.21 9.28 25.23
C ARG A 224 14.63 7.92 24.89
N THR A 227 13.54 1.41 28.67
CA THR A 227 12.91 0.13 28.78
C THR A 227 11.59 0.35 29.48
N VAL A 228 10.76 -0.68 29.42
CA VAL A 228 9.42 -0.67 30.02
C VAL A 228 9.44 -0.45 31.54
N ASP A 229 10.57 -0.73 32.21
CA ASP A 229 10.71 -0.48 33.68
C ASP A 229 11.36 0.86 33.94
N GLY A 230 11.50 1.65 32.88
CA GLY A 230 11.92 3.03 33.01
C GLY A 230 13.40 3.31 32.92
N ARG A 231 14.21 2.31 32.57
N ARG A 231 14.18 2.30 32.55
CA ARG A 231 15.66 2.50 32.54
CA ARG A 231 15.64 2.43 32.44
C ARG A 231 16.10 3.14 31.21
C ARG A 231 15.99 3.20 31.17
N ASP A 232 16.79 4.27 31.31
CA ASP A 232 17.26 5.02 30.16
C ASP A 232 18.30 4.21 29.38
N GLY A 234 19.69 5.30 26.33
CA GLY A 234 20.37 6.14 25.35
C GLY A 234 19.42 7.03 24.58
N GLU A 235 19.97 7.65 23.54
CA GLU A 235 19.23 8.58 22.72
C GLU A 235 18.74 7.91 21.44
N HIS A 236 17.47 8.08 21.09
CA HIS A 236 16.99 7.72 19.74
C HIS A 236 17.13 8.94 18.82
N ALA A 237 16.97 8.70 17.51
CA ALA A 237 17.25 9.73 16.49
C ALA A 237 16.05 10.63 16.15
N GLY A 238 14.86 10.19 16.57
CA GLY A 238 13.59 10.86 16.36
C GLY A 238 12.61 9.72 16.16
N LEU A 239 11.41 9.84 16.70
CA LEU A 239 10.45 8.73 16.74
C LEU A 239 9.99 8.28 15.35
N TYR A 241 11.70 7.65 12.89
CA TYR A 241 12.64 6.66 12.35
C TYR A 241 12.49 5.22 12.84
N TYR A 242 11.43 4.96 13.61
CA TYR A 242 11.22 3.65 14.26
C TYR A 242 9.80 3.28 14.11
N THR A 243 9.50 1.99 14.02
CA THR A 243 8.12 1.52 14.01
C THR A 243 7.92 0.49 15.09
N ILE A 244 6.71 0.42 15.61
CA ILE A 244 6.38 -0.60 16.58
C ILE A 244 6.83 -1.98 16.07
N GLY A 245 7.68 -2.64 16.85
CA GLY A 245 8.04 -4.02 16.62
C GLY A 245 9.37 -4.22 15.97
N GLN A 246 9.97 -3.13 15.50
CA GLN A 246 11.16 -3.25 14.71
C GLN A 246 12.31 -3.74 15.57
N ARG A 247 13.17 -4.55 14.98
CA ARG A 247 14.36 -5.05 15.61
C ARG A 247 15.51 -4.11 15.28
N GLY A 248 16.27 -3.75 16.32
CA GLY A 248 17.36 -2.79 16.19
C GLY A 248 16.86 -1.46 15.68
N GLY A 249 17.75 -0.70 15.09
CA GLY A 249 17.40 0.63 14.62
C GLY A 249 18.47 1.61 15.01
N LEU A 250 18.27 2.87 14.62
CA LEU A 250 19.27 3.91 14.84
C LEU A 250 19.57 4.08 16.34
N GLY A 251 20.80 3.76 16.73
CA GLY A 251 21.22 3.83 18.14
C GLY A 251 20.68 2.72 19.03
N ILE A 252 20.13 1.67 18.43
CA ILE A 252 19.72 0.52 19.21
C ILE A 252 20.83 -0.53 19.13
N GLY A 253 21.89 -0.25 19.90
CA GLY A 253 22.88 -1.23 20.35
C GLY A 253 22.71 -1.40 21.86
N GLY A 254 21.75 -0.64 22.44
CA GLY A 254 21.29 -0.80 23.84
C GLY A 254 22.31 -0.54 24.96
N ASP A 259 24.23 -8.45 27.83
CA ASP A 259 23.44 -9.37 26.98
C ASP A 259 23.71 -9.18 25.47
N ASN A 260 23.69 -10.31 24.75
CA ASN A 260 23.87 -10.35 23.30
C ASN A 260 22.58 -10.26 22.45
N ALA A 261 21.42 -10.54 23.08
CA ALA A 261 20.15 -10.69 22.37
C ALA A 261 19.60 -9.35 21.83
N PRO A 262 18.78 -9.41 20.75
CA PRO A 262 18.42 -8.13 20.15
C PRO A 262 17.30 -7.42 20.89
N TRP A 263 17.27 -6.12 20.68
CA TRP A 263 16.30 -5.23 21.23
C TRP A 263 15.27 -4.93 20.15
N PHE A 264 14.05 -4.66 20.58
CA PHE A 264 12.95 -4.29 19.70
C PHE A 264 12.34 -3.00 20.23
N VAL A 265 11.69 -2.26 19.33
CA VAL A 265 10.89 -1.12 19.70
C VAL A 265 9.55 -1.66 20.17
N VAL A 266 9.20 -1.39 21.42
CA VAL A 266 7.99 -1.99 22.00
C VAL A 266 6.92 -0.98 22.34
N GLY A 267 7.22 0.30 22.12
CA GLY A 267 6.19 1.33 22.32
C GLY A 267 6.76 2.69 21.99
N LYS A 268 5.91 3.70 21.96
CA LYS A 268 6.34 5.07 21.74
C LYS A 268 5.50 5.97 22.62
N ASP A 269 6.07 7.11 22.99
CA ASP A 269 5.34 8.16 23.66
C ASP A 269 5.75 9.50 23.11
N LEU A 270 5.04 9.90 22.07
CA LEU A 270 5.21 11.15 21.39
C LEU A 270 5.19 12.32 22.35
N SER A 271 4.32 12.28 23.35
CA SER A 271 4.21 13.42 24.27
C SER A 271 5.45 13.66 25.16
N LYS A 272 6.27 12.63 25.37
CA LYS A 272 7.54 12.81 26.08
C LYS A 272 8.72 12.62 25.15
N ASN A 273 8.43 12.36 23.87
CA ASN A 273 9.47 12.08 22.88
C ASN A 273 10.26 10.79 23.23
N ILE A 274 9.55 9.81 23.79
CA ILE A 274 10.20 8.57 24.27
C ILE A 274 10.00 7.39 23.35
N LEU A 275 11.08 6.65 23.13
CA LEU A 275 11.07 5.37 22.43
C LEU A 275 11.20 4.25 23.46
N TYR A 276 10.24 3.33 23.50
CA TYR A 276 10.35 2.22 24.46
C TYR A 276 10.97 1.04 23.75
N VAL A 277 11.94 0.40 24.38
CA VAL A 277 12.60 -0.75 23.80
C VAL A 277 12.62 -1.90 24.79
N GLY A 278 12.75 -3.12 24.27
CA GLY A 278 12.72 -4.28 25.11
C GLY A 278 13.24 -5.46 24.36
N GLN A 279 13.65 -6.50 25.07
CA GLN A 279 14.18 -7.69 24.46
C GLN A 279 13.12 -8.77 24.28
N GLY A 280 13.27 -9.60 23.26
CA GLY A 280 12.31 -10.66 22.98
C GLY A 280 11.34 -10.27 21.88
N PHE A 281 11.30 -11.10 20.84
CA PHE A 281 10.37 -10.91 19.73
C PHE A 281 8.93 -10.79 20.24
N TYR A 282 8.56 -11.60 21.24
CA TYR A 282 7.20 -11.57 21.81
C TYR A 282 7.04 -10.76 23.12
N HIS A 283 7.91 -9.78 23.32
CA HIS A 283 7.77 -8.84 24.43
C HIS A 283 6.30 -8.55 24.73
N ASP A 284 5.91 -8.67 25.99
N ASP A 284 5.93 -8.69 26.00
CA ASP A 284 4.50 -8.51 26.36
CA ASP A 284 4.56 -8.49 26.46
C ASP A 284 3.91 -7.17 25.90
C ASP A 284 3.94 -7.21 25.89
N SER A 285 4.72 -6.14 25.83
CA SER A 285 4.23 -4.84 25.32
C SER A 285 3.89 -4.88 23.82
N LEU A 286 4.45 -5.85 23.09
CA LEU A 286 4.13 -5.97 21.68
C LEU A 286 2.80 -6.66 21.40
N SER A 288 -1.37 -7.35 21.64
CA SER A 288 -2.65 -6.61 21.65
C SER A 288 -3.79 -7.59 21.54
N THR A 289 -4.98 -7.16 21.94
CA THR A 289 -6.15 -8.00 21.82
C THR A 289 -7.29 -7.38 20.99
N SER A 290 -7.17 -6.08 20.70
CA SER A 290 -8.14 -5.39 19.86
C SER A 290 -7.54 -4.12 19.31
N LEU A 291 -8.20 -3.53 18.30
CA LEU A 291 -7.83 -2.20 17.83
C LEU A 291 -9.05 -1.37 17.47
N GLU A 292 -8.84 -0.05 17.35
CA GLU A 292 -9.79 0.82 16.68
C GLU A 292 -9.21 1.36 15.38
N ALA A 293 -10.09 1.57 14.40
CA ALA A 293 -9.69 2.04 13.09
C ALA A 293 -10.55 3.18 12.58
N SER A 294 -9.94 4.07 11.81
N SER A 294 -9.93 4.08 11.83
CA SER A 294 -10.68 5.12 11.14
CA SER A 294 -10.66 5.16 11.16
C SER A 294 -10.57 4.95 9.63
C SER A 294 -10.57 4.96 9.65
N GLN A 295 -11.34 5.75 8.89
CA GLN A 295 -11.34 5.74 7.43
C GLN A 295 -11.70 4.36 6.91
N VAL A 296 -12.62 3.70 7.62
CA VAL A 296 -13.02 2.37 7.20
C VAL A 296 -13.91 2.48 5.98
N HIS A 297 -13.50 1.79 4.92
CA HIS A 297 -14.13 1.93 3.64
C HIS A 297 -14.35 0.53 3.10
N PHE A 298 -15.51 0.31 2.51
CA PHE A 298 -15.81 -0.98 1.90
C PHE A 298 -15.99 -0.88 0.40
N THR A 299 -15.76 -2.00 -0.28
CA THR A 299 -15.91 -2.10 -1.73
C THR A 299 -17.35 -2.06 -2.22
N ARG A 300 -18.30 -2.16 -1.29
CA ARG A 300 -19.71 -2.00 -1.62
C ARG A 300 -20.45 -1.28 -0.51
N GLU A 301 -21.64 -0.79 -0.84
CA GLU A 301 -22.55 -0.21 0.12
C GLU A 301 -22.76 -1.17 1.31
N PRO A 303 -24.28 -1.43 5.62
CA PRO A 303 -25.12 -0.76 6.63
C PRO A 303 -24.37 0.25 7.52
N GLU A 304 -25.11 1.16 8.15
CA GLU A 304 -24.59 2.13 9.12
C GLU A 304 -23.85 1.49 10.27
N GLU A 305 -24.40 0.39 10.77
CA GLU A 305 -23.90 -0.29 11.94
C GLU A 305 -24.12 -1.77 11.69
N PHE A 306 -23.05 -2.55 11.86
CA PHE A 306 -23.09 -3.99 11.59
C PHE A 306 -21.89 -4.71 12.17
N THR A 307 -22.08 -5.99 12.48
CA THR A 307 -21.00 -6.85 12.88
C THR A 307 -20.60 -7.78 11.74
N LEU A 308 -19.32 -8.15 11.73
CA LEU A 308 -18.72 -8.92 10.68
C LEU A 308 -17.81 -9.93 11.33
N GLU A 309 -17.95 -11.21 11.01
CA GLU A 309 -16.97 -12.18 11.41
C GLU A 309 -16.17 -12.59 10.18
N CYS A 310 -14.90 -12.20 10.15
CA CYS A 310 -14.09 -12.38 8.96
C CYS A 310 -12.62 -12.59 9.35
N THR A 311 -11.72 -12.43 8.39
CA THR A 311 -10.30 -12.32 8.72
C THR A 311 -9.79 -10.92 8.38
N ALA A 312 -8.61 -10.58 8.89
CA ALA A 312 -7.98 -9.30 8.59
C ALA A 312 -6.47 -9.44 8.52
N LYS A 313 -5.88 -8.48 7.82
CA LYS A 313 -4.44 -8.30 7.77
C LYS A 313 -4.16 -6.96 8.41
N PHE A 314 -3.10 -6.92 9.21
CA PHE A 314 -2.68 -5.72 9.92
C PHE A 314 -1.37 -5.22 9.35
N ARG A 315 -0.76 -6.05 8.52
CA ARG A 315 0.42 -5.65 7.79
C ARG A 315 0.46 -6.42 6.49
N TYR A 316 1.17 -5.87 5.52
CA TYR A 316 1.15 -6.43 4.19
C TYR A 316 1.67 -7.87 4.16
N ARG A 317 2.72 -8.17 4.91
N ARG A 317 2.74 -8.13 4.90
CA ARG A 317 3.46 -9.42 4.69
CA ARG A 317 3.50 -9.38 4.78
C ARG A 317 3.06 -10.58 5.64
C ARG A 317 3.16 -10.39 5.89
N GLN A 318 1.88 -10.47 6.26
CA GLN A 318 1.41 -11.51 7.17
C GLN A 318 0.18 -12.22 6.61
N PRO A 319 -0.04 -13.49 6.99
CA PRO A 319 -1.35 -14.08 6.62
C PRO A 319 -2.48 -13.40 7.40
N ASP A 320 -3.71 -13.53 6.90
CA ASP A 320 -4.84 -12.88 7.58
C ASP A 320 -5.25 -13.74 8.74
N SER A 321 -5.95 -13.16 9.69
CA SER A 321 -6.33 -13.92 10.87
C SER A 321 -7.71 -13.53 11.34
N LYS A 322 -8.33 -14.43 12.09
CA LYS A 322 -9.73 -14.31 12.47
C LYS A 322 -9.97 -13.10 13.36
N VAL A 323 -11.13 -12.49 13.17
CA VAL A 323 -11.40 -11.16 13.63
C VAL A 323 -12.95 -10.97 13.70
N THR A 324 -13.40 -10.33 14.78
CA THR A 324 -14.74 -9.77 14.82
C THR A 324 -14.62 -8.26 14.63
N VAL A 325 -15.38 -7.71 13.70
CA VAL A 325 -15.38 -6.26 13.53
C VAL A 325 -16.76 -5.63 13.74
N HIS A 326 -16.79 -4.66 14.64
CA HIS A 326 -18.00 -3.87 14.93
C HIS A 326 -17.87 -2.47 14.33
N VAL A 327 -18.66 -2.20 13.28
CA VAL A 327 -18.58 -0.95 12.53
C VAL A 327 -19.72 -0.04 12.97
N LYS A 328 -19.42 1.24 13.21
CA LYS A 328 -20.45 2.20 13.64
C LYS A 328 -20.38 3.60 12.99
N GLY A 329 -19.90 3.65 11.75
CA GLY A 329 -19.82 4.90 10.98
C GLY A 329 -18.46 5.57 11.09
N GLU A 330 -18.24 6.31 12.17
N GLU A 330 -18.28 6.30 12.19
CA GLU A 330 -16.96 7.01 12.37
CA GLU A 330 -17.06 7.05 12.50
C GLU A 330 -15.83 6.15 12.96
C GLU A 330 -15.87 6.17 12.96
N LYS A 331 -16.16 5.25 13.87
CA LYS A 331 -15.15 4.33 14.40
C LYS A 331 -15.52 2.86 14.22
N THR A 332 -14.48 2.04 14.11
CA THR A 332 -14.61 0.62 13.95
C THR A 332 -13.80 -0.10 15.00
N GLU A 333 -14.36 -1.12 15.63
CA GLU A 333 -13.63 -1.92 16.58
C GLU A 333 -13.29 -3.29 16.00
N VAL A 334 -12.03 -3.69 16.12
CA VAL A 334 -11.59 -5.00 15.66
C VAL A 334 -11.08 -5.84 16.83
N ILE A 335 -11.72 -6.99 17.06
CA ILE A 335 -11.33 -7.91 18.14
C ILE A 335 -10.64 -9.14 17.55
N PHE A 336 -9.42 -9.38 17.98
CA PHE A 336 -8.60 -10.47 17.45
C PHE A 336 -9.03 -11.77 18.10
N ALA A 337 -9.07 -12.86 17.33
CA ALA A 337 -9.29 -14.20 17.90
C ALA A 337 -8.15 -14.56 18.85
N GLU A 338 -6.95 -14.09 18.51
N GLU A 338 -6.94 -14.15 18.48
CA GLU A 338 -5.69 -14.49 19.12
CA GLU A 338 -5.74 -14.48 19.22
C GLU A 338 -4.87 -13.19 19.28
C GLU A 338 -4.89 -13.21 19.30
N PRO A 339 -4.14 -13.02 20.41
CA PRO A 339 -3.29 -11.81 20.53
C PRO A 339 -2.37 -11.54 19.33
N GLN A 340 -2.21 -10.25 19.01
CA GLN A 340 -1.51 -9.80 17.82
C GLN A 340 -0.29 -8.96 18.16
N ARG A 341 0.78 -9.22 17.41
CA ARG A 341 2.05 -8.59 17.64
C ARG A 341 2.19 -7.31 16.86
N ALA A 342 2.66 -6.28 17.55
CA ALA A 342 3.07 -5.01 16.92
C ALA A 342 2.02 -4.34 16.01
N ILE A 343 0.78 -4.29 16.49
CA ILE A 343 -0.30 -3.59 15.83
C ILE A 343 0.06 -2.10 15.78
N THR A 344 0.16 -1.54 14.57
CA THR A 344 0.81 -0.24 14.37
C THR A 344 -0.13 0.87 13.97
N PRO A 345 -0.29 1.88 14.85
CA PRO A 345 -1.10 3.04 14.45
C PRO A 345 -0.62 3.67 13.15
N GLY A 346 -1.59 3.94 12.27
CA GLY A 346 -1.33 4.46 10.93
C GLY A 346 -1.36 3.41 9.83
N GLN A 347 -1.09 2.16 10.18
CA GLN A 347 -1.07 1.12 9.16
C GLN A 347 -2.49 0.74 8.78
N ALA A 348 -2.63 0.04 7.65
CA ALA A 348 -3.92 -0.42 7.18
C ALA A 348 -4.34 -1.73 7.86
N VAL A 349 -5.60 -1.81 8.27
CA VAL A 349 -6.25 -3.08 8.64
C VAL A 349 -7.12 -3.36 7.45
N VAL A 350 -7.03 -4.58 6.92
CA VAL A 350 -7.78 -4.93 5.73
C VAL A 350 -8.51 -6.23 6.01
N PHE A 351 -9.79 -6.25 5.62
CA PHE A 351 -10.70 -7.34 5.93
C PHE A 351 -10.93 -8.23 4.74
N TYR A 352 -10.98 -9.52 5.01
CA TYR A 352 -11.16 -10.54 3.97
C TYR A 352 -12.27 -11.50 4.30
N ASP A 353 -12.84 -12.03 3.24
CA ASP A 353 -13.80 -13.10 3.35
C ASP A 353 -13.30 -14.17 2.38
N GLY A 354 -12.45 -15.07 2.86
CA GLY A 354 -11.82 -16.02 1.97
C GLY A 354 -11.03 -15.24 0.94
N GLU A 355 -11.33 -15.45 -0.34
CA GLU A 355 -10.55 -14.77 -1.35
C GLU A 355 -11.00 -13.34 -1.65
N GLU A 356 -12.09 -12.90 -1.03
CA GLU A 356 -12.58 -11.58 -1.29
C GLU A 356 -11.97 -10.58 -0.35
N CYS A 357 -11.49 -9.47 -0.89
CA CYS A 357 -11.07 -8.35 -0.07
C CYS A 357 -12.24 -7.39 0.16
N LEU A 358 -12.73 -7.33 1.40
CA LEU A 358 -13.97 -6.59 1.69
C LEU A 358 -13.77 -5.07 1.77
N GLY A 359 -12.61 -4.63 2.21
CA GLY A 359 -12.37 -3.21 2.40
C GLY A 359 -11.34 -3.08 3.50
N GLY A 360 -11.31 -1.92 4.15
CA GLY A 360 -10.33 -1.69 5.19
C GLY A 360 -10.30 -0.28 5.71
N GLY A 361 -9.49 -0.07 6.74
CA GLY A 361 -9.26 1.23 7.34
C GLY A 361 -7.80 1.46 7.76
N LEU A 362 -7.60 2.49 8.56
CA LEU A 362 -6.28 2.83 9.10
C LEU A 362 -6.31 2.65 10.59
N ILE A 363 -5.32 1.96 11.14
CA ILE A 363 -5.31 1.67 12.56
C ILE A 363 -5.08 2.95 13.37
N ASP A 364 -6.02 3.27 14.26
CA ASP A 364 -5.88 4.40 15.18
C ASP A 364 -5.01 4.09 16.41
N ASN A 365 -5.22 2.92 17.00
CA ASN A 365 -4.69 2.55 18.30
C ASN A 365 -4.96 1.08 18.54
N ALA A 366 -4.08 0.45 19.33
CA ALA A 366 -4.25 -0.92 19.80
C ALA A 366 -4.70 -0.92 21.25
N TYR A 367 -5.36 -1.98 21.67
CA TYR A 367 -5.79 -2.14 23.06
C TYR A 367 -5.43 -3.51 23.64
N ARG A 368 -5.05 -3.52 24.91
N ARG A 368 -5.13 -3.51 24.93
CA ARG A 368 -4.93 -4.77 25.66
CA ARG A 368 -4.89 -4.73 25.68
C ARG A 368 -5.66 -4.61 26.98
C ARG A 368 -5.64 -4.62 27.01
N ASP A 369 -6.61 -5.52 27.22
CA ASP A 369 -7.46 -5.49 28.44
C ASP A 369 -8.04 -4.10 28.73
N GLY A 370 -8.73 -3.53 27.73
CA GLY A 370 -9.43 -2.25 27.89
C GLY A 370 -8.55 -1.07 28.27
N GLN A 371 -7.35 -1.03 27.70
CA GLN A 371 -6.45 0.08 27.94
C GLN A 371 -5.58 0.21 26.70
N VAL A 372 -5.54 1.42 26.17
CA VAL A 372 -4.74 1.73 24.99
C VAL A 372 -3.27 1.35 25.19
N CYS A 373 -2.71 0.69 24.20
CA CYS A 373 -1.30 0.37 24.21
C CYS A 373 -0.49 1.63 23.95
N GLN A 374 0.60 1.80 24.69
CA GLN A 374 1.52 2.92 24.53
C GLN A 374 2.35 2.80 23.22
N TYR A 375 1.64 2.91 22.08
CA TYR A 375 2.24 2.81 20.75
C TYR A 375 2.30 4.15 20.05
N ILE A 376 1.34 4.99 20.43
CA ILE A 376 1.34 6.45 20.27
C ILE A 376 0.41 7.20 19.29
#